data_2Y31
#
_entry.id   2Y31
#
_cell.length_a   86.570
_cell.length_b   86.570
_cell.length_c   349.861
_cell.angle_alpha   90.00
_cell.angle_beta   90.00
_cell.angle_gamma   120.00
#
_symmetry.space_group_name_H-M   'P 65 2 2'
#
loop_
_entity.id
_entity.type
_entity.pdbx_description
1 polymer 'PUTATIVE REPRESSOR SIMREG2'
2 non-polymer 'SIMOCYCLINONE C4'
3 non-polymer 'PENTAETHYLENE GLYCOL'
4 non-polymer 'TETRAETHYLENE GLYCOL'
5 non-polymer 'CHLORIDE ION'
6 non-polymer 'CALCIUM ION'
7 water water
#
_entity_poly.entity_id   1
_entity_poly.type   'polypeptide(L)'
_entity_poly.pdbx_seq_one_letter_code
;MNENEPVSIWMHPEPAGRRSARSHRTLSRDQIVRAAVKVADTEGVEAASMRRVAAELGAGTMSLYYYVPTKEDLVELMVD
EVIGETRLPDRPGPDWRAALTLAANEKRALWLRHPWLATAWRNGHPVWGPNSLRQQEFVLGTLGVFDLQVDELLSLIGLY
NGYVESFVRNEVGWLEEARRTKVDMREWMRRSGPYAQQLVDSGEYPMFARVLAETVAPHMGPDQRFRSGLERLLDSIGAS
LDRLSPPGRSAASERPALALEHHHHHH
;
_entity_poly.pdbx_strand_id   A,B
#
loop_
_chem_comp.id
_chem_comp.type
_chem_comp.name
_chem_comp.formula
1PE non-polymer 'PENTAETHYLENE GLYCOL' 'C10 H22 O6'
CA non-polymer 'CALCIUM ION' 'Ca 2'
CL non-polymer 'CHLORIDE ION' 'Cl -1'
PG4 non-polymer 'TETRAETHYLENE GLYCOL' 'C8 H18 O5'
SMQ non-polymer 'SIMOCYCLINONE C4' 'C37 H38 O15'
#
# COMPACT_ATOMS: atom_id res chain seq x y z
N PRO A 6 -21.42 -10.06 14.71
CA PRO A 6 -21.19 -8.70 14.18
C PRO A 6 -21.88 -8.44 12.80
N VAL A 7 -22.79 -7.47 12.79
CA VAL A 7 -23.43 -7.00 11.57
C VAL A 7 -22.49 -5.91 11.00
N SER A 8 -22.24 -5.94 9.68
CA SER A 8 -21.37 -4.94 9.06
C SER A 8 -22.00 -3.56 9.23
N ILE A 9 -21.14 -2.55 9.18
CA ILE A 9 -21.58 -1.19 9.41
C ILE A 9 -22.58 -0.73 8.34
N TRP A 10 -22.44 -1.29 7.13
CA TRP A 10 -23.33 -0.93 6.05
C TRP A 10 -24.73 -1.55 6.22
N MET A 11 -24.84 -2.55 7.08
CA MET A 11 -26.14 -3.16 7.42
C MET A 11 -26.63 -2.73 8.81
N HIS A 12 -25.77 -2.07 9.58
CA HIS A 12 -26.08 -1.70 10.97
C HIS A 12 -27.07 -0.54 10.92
N PRO A 13 -28.36 -0.80 11.24
CA PRO A 13 -29.33 0.28 11.01
C PRO A 13 -28.98 1.52 11.87
N GLU A 14 -29.13 2.71 11.28
CA GLU A 14 -28.77 3.96 11.97
C GLU A 14 -29.96 4.53 12.72
N PRO A 15 -29.76 4.88 14.01
CA PRO A 15 -30.89 5.38 14.78
C PRO A 15 -31.27 6.79 14.37
N ALA A 16 -32.42 7.25 14.85
CA ALA A 16 -32.87 8.61 14.56
C ALA A 16 -31.89 9.62 15.17
N GLY A 17 -31.77 10.78 14.53
CA GLY A 17 -30.95 11.86 15.06
C GLY A 17 -31.51 12.32 16.39
N ARG A 18 -30.62 12.59 17.35
CA ARG A 18 -31.07 12.91 18.71
C ARG A 18 -30.12 13.93 19.34
N ARG A 19 -30.75 14.85 20.06
CA ARG A 19 -30.10 15.95 20.71
C ARG A 19 -30.08 15.57 22.20
N SER A 20 -28.90 15.42 22.79
CA SER A 20 -28.81 15.28 24.26
C SER A 20 -29.17 16.61 24.94
N ALA A 21 -29.72 16.52 26.14
CA ALA A 21 -30.34 17.66 26.80
C ALA A 21 -29.39 18.85 26.95
N ARG A 22 -28.13 18.57 27.31
CA ARG A 22 -27.11 19.63 27.48
C ARG A 22 -26.34 20.03 26.17
N SER A 23 -26.72 19.44 25.02
CA SER A 23 -26.06 19.77 23.74
C SER A 23 -26.90 20.71 22.91
N HIS A 24 -26.20 21.57 22.16
CA HIS A 24 -26.81 22.45 21.14
C HIS A 24 -27.25 21.73 19.86
N ARG A 25 -26.56 20.65 19.51
CA ARG A 25 -26.74 20.07 18.18
C ARG A 25 -27.23 18.62 18.23
N THR A 26 -27.98 18.29 17.19
CA THR A 26 -28.52 16.94 17.00
C THR A 26 -27.35 16.11 16.49
N LEU A 27 -27.27 14.87 16.96
CA LEU A 27 -26.17 13.99 16.68
C LEU A 27 -26.69 12.99 15.66
N SER A 28 -25.86 12.66 14.68
CA SER A 28 -26.13 11.61 13.70
C SER A 28 -24.80 10.94 13.29
N ARG A 29 -24.87 9.76 12.67
CA ARG A 29 -23.68 9.07 12.15
C ARG A 29 -22.89 9.97 11.21
N ASP A 30 -23.56 10.55 10.22
CA ASP A 30 -22.91 11.48 9.31
C ASP A 30 -22.14 12.60 10.00
N GLN A 31 -22.75 13.25 10.99
CA GLN A 31 -22.04 14.33 11.66
C GLN A 31 -20.82 13.84 12.45
N ILE A 32 -20.88 12.64 13.03
CA ILE A 32 -19.72 12.06 13.73
C ILE A 32 -18.56 11.71 12.75
N VAL A 33 -18.89 11.09 11.61
CA VAL A 33 -17.89 10.73 10.60
C VAL A 33 -17.22 11.97 10.05
N ARG A 34 -18.02 12.98 9.72
CA ARG A 34 -17.47 14.25 9.22
C ARG A 34 -16.58 14.93 10.23
N ALA A 35 -16.98 14.95 11.50
CA ALA A 35 -16.11 15.51 12.54
C ALA A 35 -14.84 14.62 12.67
N ALA A 36 -14.97 13.31 12.52
CA ALA A 36 -13.77 12.44 12.58
C ALA A 36 -12.77 12.73 11.46
N VAL A 37 -13.28 12.92 10.24
CA VAL A 37 -12.47 13.23 9.08
C VAL A 37 -11.67 14.50 9.33
N LYS A 38 -12.30 15.53 9.90
CA LYS A 38 -11.59 16.81 10.16
C LYS A 38 -10.46 16.61 11.14
N VAL A 39 -10.70 15.81 12.19
CA VAL A 39 -9.67 15.50 13.15
C VAL A 39 -8.53 14.72 12.50
N ALA A 40 -8.86 13.70 11.74
CA ALA A 40 -7.80 12.93 11.08
C ALA A 40 -6.97 13.76 10.11
N ASP A 41 -7.61 14.65 9.35
CA ASP A 41 -6.89 15.55 8.42
C ASP A 41 -5.85 16.40 9.12
N THR A 42 -6.17 16.89 10.31
CA THR A 42 -5.29 17.84 11.01
C THR A 42 -4.33 17.13 11.98
N GLU A 43 -4.76 16.02 12.55
CA GLU A 43 -4.02 15.39 13.64
C GLU A 43 -3.76 13.87 13.49
N GLY A 44 -4.15 13.27 12.40
CA GLY A 44 -3.96 11.80 12.20
C GLY A 44 -5.09 10.98 12.81
N VAL A 45 -5.23 9.75 12.35
CA VAL A 45 -6.32 8.89 12.76
C VAL A 45 -6.21 8.44 14.27
N GLU A 46 -5.00 8.25 14.77
CA GLU A 46 -4.83 7.84 16.17
C GLU A 46 -5.47 8.87 17.13
N ALA A 47 -5.36 10.16 16.80
CA ALA A 47 -5.94 11.23 17.60
C ALA A 47 -7.44 11.25 17.56
N ALA A 48 -8.06 10.63 16.57
CA ALA A 48 -9.51 10.71 16.44
C ALA A 48 -10.17 9.60 17.30
N SER A 49 -9.91 9.66 18.60
CA SER A 49 -10.55 8.78 19.53
C SER A 49 -12.00 9.19 19.67
N MET A 50 -12.82 8.31 20.20
CA MET A 50 -14.20 8.65 20.39
C MET A 50 -14.35 9.94 21.18
N ARG A 51 -13.55 10.10 22.23
CA ARG A 51 -13.61 11.31 23.03
C ARG A 51 -13.25 12.56 22.25
N ARG A 52 -12.14 12.55 21.53
CA ARG A 52 -11.78 13.69 20.75
C ARG A 52 -12.89 14.09 19.73
N VAL A 53 -13.44 13.10 19.04
CA VAL A 53 -14.43 13.40 18.03
C VAL A 53 -15.67 13.99 18.69
N ALA A 54 -16.05 13.46 19.85
CA ALA A 54 -17.16 14.00 20.68
C ALA A 54 -16.92 15.43 21.14
N ALA A 55 -15.70 15.74 21.55
CA ALA A 55 -15.32 17.12 21.89
C ALA A 55 -15.46 18.09 20.71
N GLU A 56 -15.16 17.65 19.50
CA GLU A 56 -15.27 18.50 18.34
CA GLU A 56 -15.27 18.55 18.36
C GLU A 56 -16.74 18.80 18.08
N LEU A 57 -17.62 17.87 18.47
CA LEU A 57 -19.08 18.01 18.30
C LEU A 57 -19.78 18.62 19.53
N GLY A 58 -19.06 18.85 20.62
CA GLY A 58 -19.66 19.23 21.88
C GLY A 58 -20.68 18.19 22.32
N ALA A 59 -20.22 16.94 22.40
CA ALA A 59 -21.11 15.84 22.80
C ALA A 59 -20.40 14.99 23.84
N GLY A 60 -21.18 14.18 24.53
CA GLY A 60 -20.62 13.19 25.42
C GLY A 60 -20.13 12.00 24.62
N THR A 61 -19.00 11.46 25.06
CA THR A 61 -18.34 10.33 24.42
C THR A 61 -19.22 9.13 24.19
N MET A 62 -19.95 8.70 25.21
CA MET A 62 -20.67 7.43 25.12
C MET A 62 -21.84 7.48 24.14
N SER A 63 -22.40 8.67 23.95
CA SER A 63 -23.52 8.88 23.02
C SER A 63 -23.12 8.64 21.57
N LEU A 64 -21.83 8.80 21.25
CA LEU A 64 -21.35 8.45 19.91
C LEU A 64 -21.59 6.98 19.59
N TYR A 65 -21.38 6.12 20.56
CA TYR A 65 -21.46 4.68 20.35
C TYR A 65 -22.83 4.19 19.89
N TYR A 66 -23.86 5.00 20.12
CA TYR A 66 -25.21 4.75 19.61
CA TYR A 66 -25.21 4.73 19.61
C TYR A 66 -25.21 4.76 18.08
N TYR A 67 -24.42 5.65 17.50
CA TYR A 67 -24.34 5.81 16.04
C TYR A 67 -23.19 5.03 15.37
N VAL A 68 -22.06 4.85 16.06
CA VAL A 68 -20.89 4.17 15.50
C VAL A 68 -20.28 3.30 16.56
N PRO A 69 -20.39 1.99 16.42
CA PRO A 69 -20.13 1.16 17.60
C PRO A 69 -18.68 0.93 17.93
N THR A 70 -17.78 1.08 16.97
CA THR A 70 -16.37 0.85 17.19
C THR A 70 -15.55 1.82 16.36
N LYS A 71 -14.30 1.99 16.75
CA LYS A 71 -13.37 2.84 16.02
C LYS A 71 -13.15 2.33 14.60
N GLU A 72 -13.11 1.02 14.44
CA GLU A 72 -12.89 0.43 13.14
C GLU A 72 -14.05 0.73 12.16
N ASP A 73 -15.29 0.64 12.65
CA ASP A 73 -16.44 1.05 11.86
C ASP A 73 -16.33 2.54 11.55
N LEU A 74 -15.91 3.35 12.52
CA LEU A 74 -15.71 4.76 12.24
C LEU A 74 -14.73 4.97 11.10
N VAL A 75 -13.61 4.23 11.10
CA VAL A 75 -12.58 4.38 10.06
C VAL A 75 -13.16 3.95 8.71
N GLU A 76 -13.90 2.85 8.69
CA GLU A 76 -14.49 2.38 7.46
C GLU A 76 -15.47 3.42 6.92
N LEU A 77 -16.25 4.02 7.82
CA LEU A 77 -17.15 5.10 7.47
C LEU A 77 -16.42 6.32 6.96
N MET A 78 -15.36 6.73 7.64
CA MET A 78 -14.53 7.84 7.17
C MET A 78 -13.97 7.59 5.75
N VAL A 79 -13.50 6.38 5.50
CA VAL A 79 -12.91 6.07 4.21
C VAL A 79 -13.99 6.25 3.13
N ASP A 80 -15.17 5.67 3.37
CA ASP A 80 -16.21 5.80 2.38
C ASP A 80 -16.67 7.24 2.17
N GLU A 81 -16.73 8.01 3.26
CA GLU A 81 -17.16 9.41 3.20
C GLU A 81 -16.28 10.23 2.25
N VAL A 82 -14.97 10.20 2.47
CA VAL A 82 -14.08 11.03 1.68
C VAL A 82 -14.00 10.55 0.23
N ILE A 83 -14.24 9.26 -0.02
CA ILE A 83 -14.24 8.77 -1.39
C ILE A 83 -15.42 9.45 -2.19
N GLY A 84 -16.40 9.97 -1.49
CA GLY A 84 -17.51 10.59 -2.15
C GLY A 84 -17.07 11.88 -2.80
N GLU A 85 -15.91 12.40 -2.36
CA GLU A 85 -15.43 13.66 -2.90
C GLU A 85 -14.91 13.54 -4.33
N THR A 86 -14.70 12.33 -4.86
CA THR A 86 -14.08 12.22 -6.16
C THR A 86 -15.09 12.68 -7.24
N ARG A 87 -14.57 13.32 -8.28
CA ARG A 87 -15.41 13.90 -9.32
CA ARG A 87 -15.41 13.92 -9.32
C ARG A 87 -15.30 13.07 -10.60
N LEU A 88 -16.23 12.14 -10.77
CA LEU A 88 -16.26 11.19 -11.87
C LEU A 88 -17.65 11.22 -12.53
N PRO A 89 -17.71 11.11 -13.86
CA PRO A 89 -19.01 10.94 -14.44
C PRO A 89 -19.58 9.55 -14.19
N ASP A 90 -20.87 9.43 -14.47
CA ASP A 90 -21.62 8.23 -14.25
C ASP A 90 -21.03 7.04 -15.00
N ARG A 91 -20.64 7.24 -16.24
CA ARG A 91 -20.06 6.20 -17.09
C ARG A 91 -18.68 6.62 -17.59
N PRO A 92 -17.75 5.66 -17.74
CA PRO A 92 -16.42 6.00 -18.16
C PRO A 92 -16.30 6.48 -19.59
N GLY A 93 -17.20 6.09 -20.47
CA GLY A 93 -17.07 6.59 -21.83
C GLY A 93 -16.18 5.68 -22.68
N PRO A 94 -15.93 6.05 -23.93
CA PRO A 94 -15.26 5.16 -24.89
C PRO A 94 -13.72 5.27 -24.94
N ASP A 95 -13.16 6.30 -24.29
CA ASP A 95 -11.70 6.46 -24.21
C ASP A 95 -11.20 5.92 -22.84
N TRP A 96 -10.69 4.71 -22.83
CA TRP A 96 -10.33 4.05 -21.58
C TRP A 96 -9.12 4.72 -20.90
N ARG A 97 -8.14 5.17 -21.69
CA ARG A 97 -6.98 5.88 -21.13
C ARG A 97 -7.40 7.18 -20.43
N ALA A 98 -8.24 7.96 -21.08
CA ALA A 98 -8.71 9.23 -20.50
C ALA A 98 -9.52 8.98 -19.24
N ALA A 99 -10.33 7.94 -19.25
CA ALA A 99 -11.18 7.61 -18.11
C ALA A 99 -10.36 7.19 -16.89
N LEU A 100 -9.37 6.30 -17.07
CA LEU A 100 -8.47 5.85 -15.98
C LEU A 100 -7.50 6.97 -15.54
N THR A 101 -7.22 7.89 -16.46
CA THR A 101 -6.44 9.10 -16.15
C THR A 101 -7.19 10.03 -15.24
N LEU A 102 -8.49 10.16 -15.48
CA LEU A 102 -9.34 10.99 -14.63
C LEU A 102 -9.46 10.38 -13.23
N ALA A 103 -9.60 9.07 -13.17
CA ALA A 103 -9.76 8.40 -11.90
C ALA A 103 -8.43 8.45 -11.14
N ALA A 104 -7.30 8.33 -11.85
CA ALA A 104 -5.99 8.39 -11.23
C ALA A 104 -5.70 9.74 -10.60
N ASN A 105 -6.01 10.80 -11.32
CA ASN A 105 -5.80 12.14 -10.82
C ASN A 105 -6.77 12.43 -9.66
N GLU A 106 -8.01 11.94 -9.73
CA GLU A 106 -8.93 12.17 -8.62
C GLU A 106 -8.50 11.43 -7.34
N LYS A 107 -8.04 10.19 -7.48
CA LYS A 107 -7.50 9.42 -6.34
C LYS A 107 -6.25 10.10 -5.73
N ARG A 108 -5.31 10.50 -6.57
CA ARG A 108 -4.15 11.20 -6.04
C ARG A 108 -4.51 12.46 -5.28
N ALA A 109 -5.42 13.26 -5.84
CA ALA A 109 -5.85 14.51 -5.15
C ALA A 109 -6.57 14.20 -3.83
N LEU A 110 -7.33 13.13 -3.83
CA LEU A 110 -8.07 12.71 -2.64
C LEU A 110 -7.10 12.31 -1.52
N TRP A 111 -6.16 11.45 -1.86
CA TRP A 111 -5.12 11.01 -0.93
C TRP A 111 -4.28 12.19 -0.46
N LEU A 112 -4.00 13.17 -1.31
CA LEU A 112 -3.27 14.36 -0.85
C LEU A 112 -4.12 15.19 0.11
N ARG A 113 -5.43 15.22 -0.09
CA ARG A 113 -6.33 15.90 0.87
C ARG A 113 -6.52 15.14 2.17
N HIS A 114 -6.51 13.81 2.08
CA HIS A 114 -6.74 12.95 3.22
C HIS A 114 -5.64 11.88 3.31
N PRO A 115 -4.42 12.29 3.71
CA PRO A 115 -3.26 11.37 3.56
C PRO A 115 -3.33 10.14 4.41
N TRP A 116 -4.12 10.16 5.47
CA TRP A 116 -4.37 8.92 6.22
C TRP A 116 -5.02 7.80 5.39
N LEU A 117 -5.60 8.11 4.23
CA LEU A 117 -6.09 7.03 3.37
C LEU A 117 -4.96 6.07 2.91
N ALA A 118 -3.74 6.56 2.86
CA ALA A 118 -2.62 5.72 2.44
C ALA A 118 -2.24 4.67 3.48
N THR A 119 -2.57 4.92 4.76
CA THR A 119 -2.06 4.09 5.85
C THR A 119 -3.12 3.55 6.85
N ALA A 120 -4.28 4.17 6.98
CA ALA A 120 -5.13 3.82 8.11
C ALA A 120 -5.92 2.53 7.93
N TRP A 121 -6.05 2.03 6.69
CA TRP A 121 -6.76 0.78 6.42
C TRP A 121 -5.85 -0.42 6.54
N ARG A 122 -6.02 -1.15 7.62
CA ARG A 122 -5.18 -2.30 7.92
C ARG A 122 -5.94 -3.64 7.80
N ASN A 123 -7.16 -3.60 7.36
CA ASN A 123 -7.99 -4.78 7.27
C ASN A 123 -7.83 -5.49 5.92
N GLY A 124 -8.27 -6.72 5.85
CA GLY A 124 -8.44 -7.41 4.57
C GLY A 124 -9.73 -7.09 3.84
N HIS A 125 -10.81 -6.84 4.58
CA HIS A 125 -12.13 -6.76 3.91
C HIS A 125 -12.26 -5.48 3.10
N PRO A 126 -12.97 -5.52 1.97
CA PRO A 126 -13.15 -4.31 1.17
C PRO A 126 -14.25 -3.45 1.78
N VAL A 127 -14.23 -2.17 1.48
CA VAL A 127 -15.24 -1.25 1.94
C VAL A 127 -16.37 -1.26 0.95
N TRP A 128 -17.48 -1.86 1.31
CA TRP A 128 -18.64 -1.85 0.40
C TRP A 128 -19.65 -0.75 0.77
N GLY A 129 -19.20 0.44 1.08
CA GLY A 129 -20.13 1.57 1.25
C GLY A 129 -20.51 2.18 -0.10
N PRO A 130 -21.48 3.09 -0.12
CA PRO A 130 -21.97 3.53 -1.43
C PRO A 130 -21.02 4.36 -2.26
N ASN A 131 -20.20 5.19 -1.63
CA ASN A 131 -19.17 5.91 -2.39
C ASN A 131 -18.12 4.99 -2.96
N SER A 132 -17.69 3.95 -2.24
CA SER A 132 -16.65 3.05 -2.75
C SER A 132 -17.18 2.23 -3.90
N LEU A 133 -18.40 1.73 -3.75
CA LEU A 133 -19.01 0.90 -4.78
C LEU A 133 -19.19 1.70 -6.05
N ARG A 134 -19.49 2.98 -5.94
CA ARG A 134 -19.73 3.78 -7.12
C ARG A 134 -18.44 4.08 -7.89
N GLN A 135 -17.38 4.44 -7.16
CA GLN A 135 -16.05 4.57 -7.77
C GLN A 135 -15.54 3.27 -8.38
N GLN A 136 -15.80 2.15 -7.71
CA GLN A 136 -15.41 0.83 -8.26
C GLN A 136 -16.17 0.51 -9.55
N GLU A 137 -17.43 0.89 -9.64
CA GLU A 137 -18.17 0.73 -10.90
C GLU A 137 -17.47 1.52 -11.98
N PHE A 138 -17.02 2.74 -11.68
CA PHE A 138 -16.45 3.56 -12.71
C PHE A 138 -15.14 2.91 -13.20
N VAL A 139 -14.28 2.56 -12.25
CA VAL A 139 -12.97 2.07 -12.57
C VAL A 139 -13.04 0.72 -13.29
N LEU A 140 -13.82 -0.20 -12.74
CA LEU A 140 -13.99 -1.52 -13.36
C LEU A 140 -14.65 -1.39 -14.74
N GLY A 141 -15.58 -0.46 -14.84
CA GLY A 141 -16.26 -0.15 -16.09
C GLY A 141 -15.40 0.34 -17.23
N THR A 142 -14.21 0.87 -16.94
CA THR A 142 -13.36 1.40 -17.99
C THR A 142 -12.88 0.34 -18.96
N LEU A 143 -12.65 -0.89 -18.49
CA LEU A 143 -12.26 -1.98 -19.37
C LEU A 143 -13.39 -2.99 -19.62
N GLY A 144 -14.60 -2.69 -19.13
CA GLY A 144 -15.77 -3.60 -19.25
C GLY A 144 -16.21 -3.91 -20.69
N VAL A 145 -15.88 -3.04 -21.63
CA VAL A 145 -16.25 -3.27 -23.02
C VAL A 145 -15.30 -4.23 -23.76
N PHE A 146 -14.09 -4.45 -23.25
CA PHE A 146 -13.17 -5.35 -23.93
C PHE A 146 -13.62 -6.77 -23.71
N ASP A 147 -13.08 -7.72 -24.44
CA ASP A 147 -13.56 -9.09 -24.20
C ASP A 147 -12.66 -9.68 -23.15
N LEU A 148 -12.99 -9.44 -21.89
CA LEU A 148 -12.15 -9.84 -20.79
C LEU A 148 -12.87 -10.73 -19.79
N GLN A 149 -12.23 -11.81 -19.38
CA GLN A 149 -12.66 -12.53 -18.22
C GLN A 149 -12.42 -11.62 -16.99
N VAL A 150 -13.36 -11.72 -16.06
CA VAL A 150 -13.40 -10.93 -14.87
C VAL A 150 -12.06 -10.84 -14.15
N ASP A 151 -11.36 -11.97 -13.99
CA ASP A 151 -10.07 -11.99 -13.32
C ASP A 151 -8.89 -11.40 -14.17
N GLU A 152 -9.03 -11.36 -15.49
CA GLU A 152 -8.08 -10.58 -16.33
C GLU A 152 -8.35 -9.10 -16.17
N LEU A 153 -9.61 -8.72 -16.11
CA LEU A 153 -9.98 -7.34 -15.87
C LEU A 153 -9.40 -6.87 -14.54
N LEU A 154 -9.62 -7.64 -13.46
CA LEU A 154 -9.17 -7.29 -12.13
C LEU A 154 -7.62 -7.31 -12.03
N SER A 155 -6.96 -8.09 -12.87
CA SER A 155 -5.51 -8.11 -12.86
C SER A 155 -5.00 -6.81 -13.49
N LEU A 156 -5.68 -6.37 -14.53
CA LEU A 156 -5.34 -5.13 -15.22
C LEU A 156 -5.64 -3.94 -14.34
N ILE A 157 -6.81 -3.90 -13.72
CA ILE A 157 -7.11 -2.83 -12.74
C ILE A 157 -6.13 -2.86 -11.52
N GLY A 158 -5.67 -4.05 -11.18
CA GLY A 158 -4.59 -4.23 -10.21
C GLY A 158 -3.30 -3.47 -10.58
N LEU A 159 -2.98 -3.44 -11.86
CA LEU A 159 -1.83 -2.69 -12.33
C LEU A 159 -2.07 -1.20 -12.12
N TYR A 160 -3.28 -0.75 -12.47
CA TYR A 160 -3.64 0.63 -12.35
C TYR A 160 -3.56 1.07 -10.87
N ASN A 161 -4.21 0.31 -9.99
CA ASN A 161 -4.23 0.67 -8.59
C ASN A 161 -2.88 0.54 -7.95
N GLY A 162 -2.12 -0.46 -8.36
CA GLY A 162 -0.78 -0.64 -7.81
C GLY A 162 0.09 0.55 -8.09
N TYR A 163 -0.04 1.11 -9.29
CA TYR A 163 0.74 2.28 -9.65
C TYR A 163 0.31 3.52 -8.84
N VAL A 164 -0.99 3.80 -8.80
CA VAL A 164 -1.49 5.04 -8.18
C VAL A 164 -1.24 5.04 -6.69
N GLU A 165 -1.58 3.94 -6.03
CA GLU A 165 -1.38 3.81 -4.63
C GLU A 165 0.09 3.83 -4.19
N SER A 166 0.98 3.12 -4.89
CA SER A 166 2.37 3.09 -4.48
C SER A 166 2.98 4.47 -4.57
N PHE A 167 2.70 5.13 -5.69
CA PHE A 167 3.19 6.51 -5.92
C PHE A 167 2.72 7.45 -4.81
N VAL A 168 1.42 7.49 -4.59
CA VAL A 168 0.82 8.47 -3.66
C VAL A 168 1.11 8.09 -2.21
N ARG A 169 1.13 6.80 -1.90
CA ARG A 169 1.58 6.38 -0.59
C ARG A 169 3.02 6.91 -0.29
N ASN A 170 3.89 6.75 -1.27
CA ASN A 170 5.26 7.26 -1.16
C ASN A 170 5.30 8.80 -1.14
N GLU A 171 4.49 9.46 -1.96
CA GLU A 171 4.38 10.92 -1.91
C GLU A 171 3.94 11.46 -0.54
N VAL A 172 2.89 10.86 0.03
CA VAL A 172 2.40 11.27 1.32
C VAL A 172 3.43 10.91 2.41
N GLY A 173 4.14 9.79 2.24
CA GLY A 173 5.23 9.44 3.15
C GLY A 173 6.30 10.53 3.20
N TRP A 174 6.69 11.05 2.04
CA TRP A 174 7.69 12.12 2.00
C TRP A 174 7.19 13.33 2.76
N LEU A 175 5.92 13.64 2.63
CA LEU A 175 5.39 14.82 3.27
C LEU A 175 5.40 14.68 4.79
N GLU A 176 5.05 13.49 5.26
CA GLU A 176 5.03 13.18 6.66
C GLU A 176 6.44 13.14 7.21
N GLU A 177 7.32 12.45 6.51
CA GLU A 177 8.71 12.36 6.88
C GLU A 177 9.33 13.77 7.03
N ALA A 178 9.07 14.65 6.08
CA ALA A 178 9.64 15.98 6.08
C ALA A 178 9.09 16.87 7.20
N ARG A 179 7.87 16.63 7.67
CA ARG A 179 7.34 17.41 8.80
C ARG A 179 8.12 17.08 10.07
N ARG A 180 8.71 15.91 10.10
CA ARG A 180 9.53 15.49 11.23
C ARG A 180 11.02 15.91 11.07
N THR A 181 11.62 15.62 9.92
CA THR A 181 13.02 15.84 9.70
C THR A 181 13.36 17.20 9.07
N LYS A 182 12.38 17.84 8.43
CA LYS A 182 12.60 19.03 7.58
C LYS A 182 13.40 18.80 6.29
N VAL A 183 13.59 17.54 5.92
CA VAL A 183 14.22 17.16 4.64
C VAL A 183 13.18 16.47 3.73
N ASP A 184 12.75 17.15 2.68
CA ASP A 184 11.86 16.58 1.69
C ASP A 184 12.67 15.75 0.68
N MET A 185 12.01 15.28 -0.38
CA MET A 185 12.61 14.35 -1.28
C MET A 185 13.82 14.95 -1.99
N ARG A 186 13.66 16.15 -2.51
CA ARG A 186 14.72 16.80 -3.26
C ARG A 186 15.96 17.03 -2.35
N GLU A 187 15.73 17.45 -1.14
CA GLU A 187 16.80 17.68 -0.20
C GLU A 187 17.42 16.36 0.21
N TRP A 188 16.60 15.31 0.36
CA TRP A 188 17.13 13.99 0.73
C TRP A 188 18.04 13.50 -0.39
N MET A 189 17.66 13.74 -1.64
CA MET A 189 18.48 13.34 -2.76
C MET A 189 19.82 14.09 -2.77
N ARG A 190 19.81 15.34 -2.32
CA ARG A 190 21.02 16.15 -2.29
C ARG A 190 21.95 15.61 -1.22
N ARG A 191 21.41 15.48 -0.02
CA ARG A 191 22.20 15.03 1.11
C ARG A 191 22.72 13.60 1.00
N SER A 192 22.01 12.77 0.24
CA SER A 192 22.40 11.36 0.06
C SER A 192 23.44 11.16 -1.07
N GLY A 193 23.72 12.23 -1.82
CA GLY A 193 24.66 12.16 -2.93
C GLY A 193 25.97 11.44 -2.58
N PRO A 194 26.72 11.96 -1.59
CA PRO A 194 28.00 11.39 -1.26
C PRO A 194 27.93 9.89 -0.93
N TYR A 195 26.93 9.48 -0.17
CA TYR A 195 26.77 8.06 0.15
C TYR A 195 26.44 7.26 -1.10
N ALA A 196 25.57 7.82 -1.95
CA ALA A 196 25.22 7.15 -3.23
C ALA A 196 26.48 6.97 -4.09
N GLN A 197 27.32 7.99 -4.08
CA GLN A 197 28.55 7.93 -4.85
C GLN A 197 29.47 6.87 -4.23
N GLN A 198 29.50 6.75 -2.90
CA GLN A 198 30.30 5.64 -2.30
C GLN A 198 29.77 4.26 -2.70
N LEU A 199 28.45 4.16 -2.86
CA LEU A 199 27.88 2.86 -3.25
C LEU A 199 28.23 2.53 -4.68
N VAL A 200 28.12 3.52 -5.53
CA VAL A 200 28.50 3.36 -6.93
C VAL A 200 29.98 2.98 -7.00
N ASP A 201 30.83 3.73 -6.31
CA ASP A 201 32.29 3.49 -6.35
C ASP A 201 32.66 2.05 -5.94
N SER A 202 31.84 1.42 -5.09
CA SER A 202 32.15 0.05 -4.67
C SER A 202 32.21 -0.93 -5.82
N GLY A 203 31.48 -0.64 -6.89
CA GLY A 203 31.32 -1.59 -7.98
C GLY A 203 30.40 -2.79 -7.74
N GLU A 204 29.80 -2.90 -6.56
CA GLU A 204 28.92 -4.04 -6.20
C GLU A 204 27.45 -3.87 -6.64
N TYR A 205 27.08 -2.68 -7.10
CA TYR A 205 25.68 -2.38 -7.45
C TYR A 205 25.51 -1.69 -8.79
N PRO A 206 25.91 -2.39 -9.90
CA PRO A 206 25.83 -1.79 -11.25
C PRO A 206 24.44 -1.41 -11.72
N MET A 207 23.39 -2.12 -11.28
CA MET A 207 22.03 -1.76 -11.71
C MET A 207 21.63 -0.50 -11.01
N PHE A 208 21.93 -0.44 -9.71
CA PHE A 208 21.76 0.80 -8.96
C PHE A 208 22.55 1.98 -9.59
N ALA A 209 23.83 1.80 -9.89
CA ALA A 209 24.61 2.87 -10.56
C ALA A 209 23.90 3.35 -11.84
N ARG A 210 23.40 2.41 -12.64
CA ARG A 210 22.78 2.75 -13.90
C ARG A 210 21.52 3.53 -13.66
N VAL A 211 20.77 3.10 -12.64
CA VAL A 211 19.59 3.79 -12.28
C VAL A 211 19.92 5.22 -11.85
N LEU A 212 20.87 5.41 -10.96
CA LEU A 212 21.21 6.81 -10.53
C LEU A 212 21.66 7.65 -11.72
N ALA A 213 22.45 7.07 -12.63
CA ALA A 213 22.95 7.79 -13.80
C ALA A 213 21.85 8.18 -14.77
N GLU A 214 20.83 7.35 -14.92
CA GLU A 214 20.01 7.42 -16.16
C GLU A 214 18.53 7.63 -15.89
N THR A 215 18.07 7.54 -14.64
CA THR A 215 16.66 7.83 -14.32
C THR A 215 16.32 9.31 -14.47
N VAL A 216 15.15 9.61 -14.99
CA VAL A 216 14.70 10.96 -15.24
C VAL A 216 13.61 11.33 -14.23
N ALA A 217 12.72 10.39 -13.95
CA ALA A 217 11.54 10.61 -13.09
C ALA A 217 11.76 11.39 -11.78
N PRO A 218 12.74 10.99 -10.98
CA PRO A 218 12.98 11.66 -9.72
C PRO A 218 13.29 13.15 -9.84
N HIS A 219 13.77 13.56 -11.02
CA HIS A 219 14.19 14.93 -11.22
C HIS A 219 13.04 15.76 -11.67
N MET A 220 11.95 15.14 -12.08
CA MET A 220 10.75 15.87 -12.48
C MET A 220 10.03 16.45 -11.23
N GLY A 221 9.21 17.48 -11.39
CA GLY A 221 8.30 17.86 -10.32
C GLY A 221 7.21 16.77 -10.12
N PRO A 222 6.51 16.82 -8.97
CA PRO A 222 5.60 15.74 -8.59
C PRO A 222 4.49 15.47 -9.61
N ASP A 223 3.90 16.52 -10.19
CA ASP A 223 2.81 16.32 -11.13
C ASP A 223 3.32 15.67 -12.41
N GLN A 224 4.42 16.17 -12.93
CA GLN A 224 4.98 15.62 -14.16
C GLN A 224 5.44 14.18 -13.94
N ARG A 225 5.98 13.88 -12.76
CA ARG A 225 6.46 12.55 -12.47
CA ARG A 225 6.46 12.55 -12.44
C ARG A 225 5.25 11.57 -12.43
N PHE A 226 4.14 12.01 -11.83
CA PHE A 226 2.97 11.15 -11.72
C PHE A 226 2.39 10.86 -13.08
N ARG A 227 2.19 11.92 -13.87
CA ARG A 227 1.73 11.82 -15.22
C ARG A 227 2.61 10.88 -16.06
N SER A 228 3.91 11.05 -15.97
CA SER A 228 4.85 10.29 -16.81
C SER A 228 4.87 8.78 -16.44
N GLY A 229 4.84 8.47 -15.15
CA GLY A 229 4.60 7.10 -14.74
C GLY A 229 3.23 6.55 -15.17
N LEU A 230 2.20 7.39 -15.10
CA LEU A 230 0.81 6.95 -15.41
C LEU A 230 0.66 6.64 -16.90
N GLU A 231 1.25 7.47 -17.75
CA GLU A 231 1.34 7.14 -19.20
C GLU A 231 2.02 5.82 -19.47
N ARG A 232 3.14 5.56 -18.82
CA ARG A 232 3.81 4.28 -18.97
C ARG A 232 2.90 3.15 -18.48
N LEU A 233 2.22 3.33 -17.35
CA LEU A 233 1.29 2.28 -16.84
C LEU A 233 0.15 2.00 -17.85
N LEU A 234 -0.42 3.07 -18.41
CA LEU A 234 -1.49 2.94 -19.39
C LEU A 234 -0.98 2.25 -20.68
N ASP A 235 0.27 2.52 -21.09
CA ASP A 235 0.92 1.80 -22.20
C ASP A 235 1.01 0.29 -21.95
N SER A 236 1.29 -0.10 -20.71
CA SER A 236 1.34 -1.53 -20.37
C SER A 236 -0.06 -2.13 -20.36
N ILE A 237 -1.05 -1.41 -19.82
CA ILE A 237 -2.40 -1.93 -19.85
C ILE A 237 -2.82 -2.13 -21.31
N GLY A 238 -2.47 -1.18 -22.18
CA GLY A 238 -2.78 -1.27 -23.61
C GLY A 238 -2.10 -2.43 -24.32
N ALA A 239 -0.82 -2.67 -24.05
CA ALA A 239 -0.14 -3.85 -24.63
C ALA A 239 -0.81 -5.16 -24.17
N SER A 240 -1.30 -5.19 -22.92
CA SER A 240 -2.03 -6.37 -22.41
C SER A 240 -3.38 -6.53 -23.07
N LEU A 241 -4.11 -5.42 -23.26
CA LEU A 241 -5.41 -5.47 -23.93
C LEU A 241 -5.31 -6.05 -25.34
N ASP A 242 -4.27 -5.66 -26.09
CA ASP A 242 -4.01 -6.18 -27.42
C ASP A 242 -3.72 -7.70 -27.40
N ARG A 243 -2.81 -8.09 -26.54
CA ARG A 243 -2.35 -9.45 -26.45
C ARG A 243 -3.41 -10.41 -25.91
N LEU A 244 -4.35 -9.90 -25.12
CA LEU A 244 -5.42 -10.70 -24.59
C LEU A 244 -6.49 -10.99 -25.66
N SER A 245 -6.51 -10.22 -26.73
CA SER A 245 -7.47 -10.49 -27.82
C SER A 245 -6.86 -10.40 -29.21
N PRO A 246 -6.04 -11.41 -29.58
CA PRO A 246 -5.49 -11.59 -30.91
C PRO A 246 -6.55 -11.87 -31.99
N PRO A 247 -6.22 -11.60 -33.25
CA PRO A 247 -4.96 -11.05 -33.66
C PRO A 247 -4.99 -9.52 -33.46
N GLU B 5 24.32 18.46 10.12
CA GLU B 5 23.36 17.65 9.30
C GLU B 5 23.20 16.23 9.88
N PRO B 6 21.94 15.81 10.16
CA PRO B 6 21.72 14.43 10.62
C PRO B 6 22.14 13.35 9.60
N VAL B 7 23.01 12.44 10.06
CA VAL B 7 23.67 11.44 9.25
C VAL B 7 22.85 10.13 9.12
N SER B 8 22.70 9.66 7.88
CA SER B 8 22.15 8.35 7.59
C SER B 8 22.71 7.28 8.53
N ILE B 9 21.81 6.43 9.04
CA ILE B 9 22.22 5.25 9.78
C ILE B 9 23.23 4.37 9.01
N TRP B 10 23.15 4.40 7.68
CA TRP B 10 24.05 3.64 6.82
C TRP B 10 25.46 4.26 6.74
N MET B 11 25.56 5.57 7.00
CA MET B 11 26.85 6.29 7.12
C MET B 11 27.36 6.39 8.59
N HIS B 12 26.67 5.75 9.51
CA HIS B 12 26.91 5.97 10.93
C HIS B 12 27.54 4.69 11.53
N PRO B 13 28.88 4.50 11.34
CA PRO B 13 29.62 3.39 11.94
C PRO B 13 29.20 3.05 13.35
N GLU B 14 29.13 1.75 13.63
CA GLU B 14 28.78 1.24 14.94
C GLU B 14 30.06 0.78 15.60
N PRO B 15 30.27 1.17 16.86
CA PRO B 15 31.50 0.78 17.60
C PRO B 15 31.56 -0.70 18.01
N THR B 26 29.70 -6.34 24.81
CA THR B 26 28.73 -7.40 25.12
C THR B 26 27.48 -7.33 24.21
N LEU B 27 27.11 -6.09 23.87
CA LEU B 27 25.91 -5.72 23.15
C LEU B 27 26.36 -5.31 21.75
N SER B 28 25.50 -5.44 20.74
CA SER B 28 25.80 -4.90 19.41
C SER B 28 24.57 -4.43 18.62
N ARG B 29 24.83 -3.65 17.58
CA ARG B 29 23.78 -3.19 16.73
C ARG B 29 22.97 -4.39 16.24
N ASP B 30 23.66 -5.41 15.73
CA ASP B 30 22.97 -6.58 15.20
C ASP B 30 22.14 -7.28 16.26
N GLN B 31 22.62 -7.38 17.50
CA GLN B 31 21.81 -8.00 18.55
C GLN B 31 20.52 -7.19 18.81
N ILE B 32 20.69 -5.88 18.91
CA ILE B 32 19.57 -4.98 19.12
C ILE B 32 18.52 -5.13 17.99
N VAL B 33 19.00 -5.20 16.74
CA VAL B 33 18.13 -5.31 15.61
C VAL B 33 17.43 -6.62 15.60
N ARG B 34 18.15 -7.72 15.81
CA ARG B 34 17.53 -9.04 15.77
C ARG B 34 16.51 -9.22 16.89
N ALA B 35 16.80 -8.65 18.06
CA ALA B 35 15.87 -8.76 19.18
C ALA B 35 14.61 -7.93 18.83
N ALA B 36 14.79 -6.74 18.30
CA ALA B 36 13.65 -5.90 17.85
C ALA B 36 12.73 -6.62 16.84
N VAL B 37 13.33 -7.25 15.84
CA VAL B 37 12.63 -8.04 14.85
C VAL B 37 11.81 -9.13 15.53
N LYS B 38 12.42 -9.85 16.46
CA LYS B 38 11.70 -10.91 17.13
C LYS B 38 10.48 -10.42 17.92
N VAL B 39 10.56 -9.25 18.54
CA VAL B 39 9.36 -8.67 19.11
C VAL B 39 8.31 -8.32 18.07
N ALA B 40 8.71 -7.58 17.04
CA ALA B 40 7.76 -7.11 16.05
C ALA B 40 7.09 -8.27 15.33
N ASP B 41 7.78 -9.36 15.13
CA ASP B 41 7.23 -10.49 14.40
C ASP B 41 5.92 -11.00 15.01
N THR B 42 5.85 -11.01 16.34
CA THR B 42 4.65 -11.48 17.03
C THR B 42 3.85 -10.34 17.66
N GLU B 43 4.45 -9.20 17.93
CA GLU B 43 3.70 -8.13 18.62
C GLU B 43 3.51 -6.84 17.83
N GLY B 44 4.14 -6.76 16.66
CA GLY B 44 4.10 -5.52 15.87
C GLY B 44 5.21 -4.54 16.21
N VAL B 45 5.39 -3.59 15.31
CA VAL B 45 6.56 -2.72 15.32
C VAL B 45 6.51 -1.73 16.46
N GLU B 46 5.32 -1.27 16.82
CA GLU B 46 5.16 -0.37 17.96
C GLU B 46 5.57 -1.03 19.30
N ALA B 47 5.43 -2.35 19.43
CA ALA B 47 5.87 -3.08 20.62
C ALA B 47 7.42 -3.16 20.71
N ALA B 48 8.10 -3.10 19.57
CA ALA B 48 9.57 -3.12 19.51
C ALA B 48 10.21 -1.78 19.81
N SER B 49 9.82 -1.16 20.92
CA SER B 49 10.42 0.09 21.44
C SER B 49 11.84 -0.17 21.97
N MET B 50 12.65 0.87 22.13
CA MET B 50 13.99 0.66 22.69
C MET B 50 13.94 0.07 24.07
N ARG B 51 13.05 0.60 24.91
CA ARG B 51 12.93 0.13 26.30
C ARG B 51 12.56 -1.33 26.29
N ARG B 52 11.71 -1.75 25.35
CA ARG B 52 11.35 -3.17 25.29
C ARG B 52 12.53 -3.98 24.84
N VAL B 53 13.21 -3.52 23.81
CA VAL B 53 14.33 -4.30 23.26
C VAL B 53 15.45 -4.41 24.30
N ALA B 54 15.69 -3.32 25.03
CA ALA B 54 16.63 -3.32 26.13
C ALA B 54 16.31 -4.41 27.15
N ALA B 55 15.04 -4.53 27.53
CA ALA B 55 14.69 -5.54 28.52
C ALA B 55 14.93 -6.93 27.97
N GLU B 56 14.60 -7.12 26.70
CA GLU B 56 14.84 -8.40 26.05
C GLU B 56 16.32 -8.78 26.08
N LEU B 57 17.23 -7.81 26.07
CA LEU B 57 18.68 -8.11 26.09
C LEU B 57 19.31 -8.01 27.49
N GLY B 58 18.47 -7.75 28.50
CA GLY B 58 18.92 -7.54 29.85
C GLY B 58 19.83 -6.35 29.97
N ALA B 59 19.54 -5.30 29.21
CA ALA B 59 20.42 -4.11 29.16
C ALA B 59 19.69 -2.85 29.56
N GLY B 60 20.43 -1.79 29.88
CA GLY B 60 19.84 -0.50 30.22
C GLY B 60 19.50 0.21 28.92
N THR B 61 18.36 0.86 28.90
CA THR B 61 17.79 1.47 27.67
C THR B 61 18.71 2.50 27.03
N MET B 62 19.36 3.28 27.88
CA MET B 62 20.16 4.39 27.42
C MET B 62 21.36 3.84 26.64
N SER B 63 21.91 2.72 27.11
CA SER B 63 23.03 2.08 26.44
C SER B 63 22.71 1.49 25.04
N LEU B 64 21.42 1.35 24.69
CA LEU B 64 21.05 0.94 23.33
C LEU B 64 21.27 2.06 22.36
N TYR B 65 21.02 3.30 22.78
CA TYR B 65 21.10 4.47 21.88
C TYR B 65 22.47 4.75 21.26
N TYR B 66 23.49 4.22 21.92
CA TYR B 66 24.87 4.25 21.46
C TYR B 66 25.01 3.46 20.16
N TYR B 67 24.27 2.36 20.03
CA TYR B 67 24.27 1.59 18.79
C TYR B 67 23.22 2.04 17.78
N VAL B 68 22.09 2.54 18.25
CA VAL B 68 20.94 2.85 17.38
C VAL B 68 20.29 4.12 17.87
N PRO B 69 20.46 5.22 17.15
CA PRO B 69 20.12 6.47 17.82
C PRO B 69 18.63 6.79 17.98
N THR B 70 17.78 6.20 17.16
CA THR B 70 16.36 6.54 17.19
C THR B 70 15.52 5.33 16.80
N LYS B 71 14.27 5.35 17.24
CA LYS B 71 13.24 4.40 16.77
C LYS B 71 13.20 4.31 15.25
N GLU B 72 13.19 5.45 14.57
CA GLU B 72 13.21 5.50 13.09
CA GLU B 72 13.17 5.47 13.10
C GLU B 72 14.38 4.72 12.53
N ASP B 73 15.56 4.96 13.06
CA ASP B 73 16.72 4.18 12.62
C ASP B 73 16.58 2.68 12.94
N LEU B 74 16.00 2.35 14.08
CA LEU B 74 15.82 0.94 14.40
C LEU B 74 14.92 0.23 13.36
N VAL B 75 13.81 0.86 12.99
CA VAL B 75 12.93 0.29 11.93
C VAL B 75 13.65 0.07 10.59
N GLU B 76 14.37 1.09 10.14
CA GLU B 76 15.14 0.99 8.91
C GLU B 76 16.17 -0.16 9.00
N LEU B 77 16.82 -0.33 10.14
CA LEU B 77 17.76 -1.44 10.32
C LEU B 77 17.01 -2.75 10.32
N MET B 78 15.83 -2.77 10.94
CA MET B 78 15.03 -4.00 11.01
C MET B 78 14.64 -4.45 9.60
N VAL B 79 14.22 -3.53 8.75
CA VAL B 79 13.84 -3.86 7.36
C VAL B 79 15.02 -4.48 6.60
N ASP B 80 16.18 -3.83 6.65
CA ASP B 80 17.30 -4.33 5.89
C ASP B 80 17.77 -5.69 6.41
N GLU B 81 17.76 -5.84 7.71
CA GLU B 81 18.12 -7.12 8.34
C GLU B 81 17.29 -8.30 7.83
N VAL B 82 15.96 -8.13 7.80
CA VAL B 82 15.09 -9.24 7.41
C VAL B 82 15.22 -9.55 5.93
N ILE B 83 15.48 -8.52 5.12
CA ILE B 83 15.58 -8.70 3.68
C ILE B 83 16.78 -9.58 3.41
N GLY B 84 17.77 -9.51 4.28
CA GLY B 84 18.89 -10.44 4.25
C GLY B 84 18.54 -11.91 4.44
N GLU B 85 17.30 -12.24 4.79
CA GLU B 85 16.95 -13.65 4.97
C GLU B 85 16.50 -14.32 3.67
N THR B 86 16.24 -13.54 2.64
CA THR B 86 15.76 -14.11 1.40
C THR B 86 16.87 -14.96 0.78
N ARG B 87 16.45 -15.98 0.01
CA ARG B 87 17.38 -16.96 -0.52
C ARG B 87 17.35 -16.84 -2.03
N LEU B 88 18.12 -15.90 -2.53
CA LEU B 88 18.21 -15.67 -3.99
C LEU B 88 19.55 -16.12 -4.50
N PRO B 89 19.59 -16.63 -5.74
CA PRO B 89 20.90 -16.86 -6.33
C PRO B 89 21.63 -15.56 -6.58
N ASP B 90 22.92 -15.66 -6.82
CA ASP B 90 23.75 -14.51 -7.10
C ASP B 90 23.32 -13.71 -8.28
N ARG B 91 22.83 -14.42 -9.29
CA ARG B 91 22.46 -13.77 -10.51
C ARG B 91 21.10 -14.26 -10.96
N PRO B 92 20.29 -13.35 -11.53
CA PRO B 92 18.94 -13.71 -12.01
C PRO B 92 18.95 -14.69 -13.16
N GLY B 93 19.95 -14.59 -14.04
CA GLY B 93 20.03 -15.54 -15.16
C GLY B 93 19.16 -15.09 -16.32
N PRO B 94 18.99 -15.94 -17.34
CA PRO B 94 18.33 -15.49 -18.58
C PRO B 94 16.80 -15.57 -18.56
N ASP B 95 16.28 -16.51 -17.75
CA ASP B 95 14.84 -16.74 -17.61
C ASP B 95 14.25 -15.79 -16.56
N TRP B 96 13.87 -14.62 -17.06
CA TRP B 96 13.29 -13.55 -16.26
C TRP B 96 11.98 -14.00 -15.55
N ARG B 97 11.18 -14.86 -16.19
CA ARG B 97 9.93 -15.35 -15.57
CA ARG B 97 9.93 -15.30 -15.56
C ARG B 97 10.23 -16.17 -14.34
N ALA B 98 11.18 -17.09 -14.47
CA ALA B 98 11.58 -17.92 -13.34
C ALA B 98 12.21 -17.07 -12.24
N ALA B 99 13.05 -16.13 -12.63
CA ALA B 99 13.77 -15.31 -11.68
C ALA B 99 12.78 -14.43 -10.87
N LEU B 100 11.89 -13.72 -11.54
CA LEU B 100 10.83 -12.95 -10.85
C LEU B 100 9.85 -13.81 -10.00
N THR B 101 9.61 -15.05 -10.42
CA THR B 101 8.78 -16.00 -9.64
C THR B 101 9.49 -16.37 -8.35
N LEU B 102 10.77 -16.70 -8.48
CA LEU B 102 11.61 -16.94 -7.35
C LEU B 102 11.62 -15.74 -6.38
N ALA B 103 11.86 -14.53 -6.89
CA ALA B 103 11.88 -13.34 -6.00
C ALA B 103 10.50 -13.10 -5.38
N ALA B 104 9.44 -13.29 -6.18
CA ALA B 104 8.05 -13.16 -5.70
C ALA B 104 7.76 -14.12 -4.55
N ASN B 105 8.09 -15.39 -4.71
CA ASN B 105 7.83 -16.36 -3.66
C ASN B 105 8.62 -16.06 -2.40
N GLU B 106 9.85 -15.60 -2.57
CA GLU B 106 10.68 -15.24 -1.41
C GLU B 106 10.15 -14.03 -0.69
N LYS B 107 9.63 -13.05 -1.43
CA LYS B 107 9.15 -11.83 -0.81
C LYS B 107 7.87 -12.13 -0.04
N ARG B 108 6.99 -12.94 -0.66
CA ARG B 108 5.75 -13.33 0.00
C ARG B 108 6.03 -14.05 1.32
N ALA B 109 6.91 -15.07 1.30
CA ALA B 109 7.32 -15.79 2.51
C ALA B 109 7.95 -14.86 3.56
N LEU B 110 8.74 -13.90 3.11
CA LEU B 110 9.40 -12.99 4.02
C LEU B 110 8.35 -12.15 4.73
N TRP B 111 7.43 -11.55 3.95
CA TRP B 111 6.35 -10.72 4.54
C TRP B 111 5.50 -11.56 5.45
N LEU B 112 5.22 -12.80 5.11
CA LEU B 112 4.35 -13.61 6.03
C LEU B 112 5.05 -14.00 7.35
N ARG B 113 6.38 -14.16 7.31
CA ARG B 113 7.23 -14.29 8.54
C ARG B 113 7.36 -12.96 9.29
N HIS B 114 7.41 -11.86 8.54
CA HIS B 114 7.55 -10.50 9.13
C HIS B 114 6.43 -9.59 8.68
N PRO B 115 5.20 -9.80 9.21
CA PRO B 115 4.03 -9.11 8.71
C PRO B 115 4.13 -7.62 8.73
N TRP B 116 4.87 -7.11 9.69
CA TRP B 116 5.04 -5.68 9.90
C TRP B 116 5.68 -4.97 8.70
N LEU B 117 6.38 -5.74 7.86
CA LEU B 117 6.95 -5.18 6.63
C LEU B 117 5.92 -4.56 5.73
N ALA B 118 4.69 -5.08 5.78
CA ALA B 118 3.63 -4.57 4.89
C ALA B 118 3.20 -3.16 5.23
N THR B 119 3.42 -2.75 6.47
CA THR B 119 2.88 -1.48 6.92
C THR B 119 3.84 -0.64 7.78
N ALA B 120 4.98 -1.18 8.21
CA ALA B 120 5.85 -0.42 9.16
C ALA B 120 6.47 0.83 8.54
N TRP B 121 6.74 0.83 7.23
CA TRP B 121 7.41 1.94 6.57
C TRP B 121 6.45 3.06 6.09
N ARG B 122 6.42 4.17 6.83
CA ARG B 122 5.62 5.37 6.56
C ARG B 122 6.50 6.55 6.01
N ASN B 123 7.75 6.26 5.70
CA ASN B 123 8.65 7.26 5.17
C ASN B 123 8.60 7.28 3.64
N GLY B 124 9.09 8.36 3.07
CA GLY B 124 9.34 8.42 1.64
C GLY B 124 10.68 7.83 1.19
N HIS B 125 11.74 8.02 1.99
CA HIS B 125 13.08 7.64 1.54
C HIS B 125 13.24 6.11 1.44
N PRO B 126 13.96 5.65 0.43
CA PRO B 126 14.17 4.21 0.27
C PRO B 126 15.23 3.73 1.30
N VAL B 127 15.30 2.42 1.54
CA VAL B 127 16.25 1.84 2.48
C VAL B 127 17.45 1.37 1.69
N TRP B 128 18.60 1.98 1.92
CA TRP B 128 19.79 1.66 1.14
C TRP B 128 20.82 0.93 2.00
N GLY B 129 20.35 -0.06 2.74
CA GLY B 129 21.21 -0.97 3.47
C GLY B 129 21.73 -2.00 2.53
N PRO B 130 22.66 -2.84 2.98
CA PRO B 130 23.33 -3.74 2.04
C PRO B 130 22.44 -4.89 1.53
N ASN B 131 21.51 -5.36 2.36
CA ASN B 131 20.66 -6.47 1.92
C ASN B 131 19.64 -5.93 0.91
N SER B 132 19.10 -4.74 1.13
CA SER B 132 18.10 -4.22 0.21
C SER B 132 18.76 -3.90 -1.13
N LEU B 133 19.98 -3.38 -1.10
CA LEU B 133 20.66 -3.05 -2.37
C LEU B 133 20.99 -4.35 -3.13
N ARG B 134 21.32 -5.42 -2.39
CA ARG B 134 21.69 -6.69 -3.02
C ARG B 134 20.45 -7.32 -3.66
N GLN B 135 19.32 -7.26 -2.97
CA GLN B 135 18.06 -7.76 -3.53
C GLN B 135 17.60 -6.95 -4.77
N GLN B 136 17.77 -5.65 -4.69
CA GLN B 136 17.45 -4.75 -5.79
C GLN B 136 18.30 -5.06 -7.05
N GLU B 137 19.56 -5.49 -6.87
CA GLU B 137 20.38 -5.90 -8.01
C GLU B 137 19.77 -7.09 -8.69
N PHE B 138 19.31 -8.04 -7.91
CA PHE B 138 18.74 -9.23 -8.48
C PHE B 138 17.47 -8.90 -9.29
N VAL B 139 16.59 -8.13 -8.68
CA VAL B 139 15.27 -7.81 -9.26
C VAL B 139 15.44 -6.90 -10.47
N LEU B 140 16.22 -5.82 -10.34
CA LEU B 140 16.44 -4.94 -11.48
C LEU B 140 17.20 -5.70 -12.60
N GLY B 141 18.15 -6.55 -12.25
CA GLY B 141 18.86 -7.35 -13.23
C GLY B 141 18.03 -8.36 -14.04
N THR B 142 16.83 -8.74 -13.56
CA THR B 142 16.05 -9.75 -14.28
C THR B 142 15.72 -9.40 -15.72
N LEU B 143 15.58 -8.12 -16.01
CA LEU B 143 15.23 -7.61 -17.33
C LEU B 143 16.42 -6.90 -18.04
N GLY B 144 17.58 -6.81 -17.39
CA GLY B 144 18.82 -6.31 -18.01
C GLY B 144 19.22 -6.93 -19.36
N VAL B 145 18.64 -8.07 -19.74
CA VAL B 145 18.87 -8.65 -21.06
C VAL B 145 17.88 -8.18 -22.16
N PHE B 146 17.06 -7.18 -21.85
CA PHE B 146 16.30 -6.44 -22.84
C PHE B 146 16.87 -5.02 -22.93
N ASP B 147 16.71 -4.41 -24.09
CA ASP B 147 17.28 -3.09 -24.37
C ASP B 147 16.31 -2.06 -23.84
N LEU B 148 16.28 -1.87 -22.53
CA LEU B 148 15.31 -0.95 -21.91
C LEU B 148 16.00 0.30 -21.42
N GLN B 149 15.34 1.44 -21.55
CA GLN B 149 15.74 2.60 -20.76
C GLN B 149 15.45 2.35 -19.27
N VAL B 150 16.16 3.03 -18.41
CA VAL B 150 16.00 2.87 -16.99
C VAL B 150 14.53 3.07 -16.56
N ASP B 151 13.88 4.11 -17.04
CA ASP B 151 12.54 4.42 -16.55
C ASP B 151 11.46 3.47 -17.11
N GLU B 152 11.74 2.84 -18.23
CA GLU B 152 10.90 1.77 -18.76
C GLU B 152 11.07 0.57 -17.83
N LEU B 153 12.34 0.26 -17.53
CA LEU B 153 12.67 -0.84 -16.65
C LEU B 153 11.98 -0.62 -15.29
N LEU B 154 12.15 0.55 -14.72
CA LEU B 154 11.60 0.79 -13.39
C LEU B 154 10.05 0.72 -13.43
N SER B 155 9.44 1.12 -14.53
CA SER B 155 8.00 1.05 -14.64
C SER B 155 7.51 -0.42 -14.65
N LEU B 156 8.24 -1.31 -15.34
CA LEU B 156 7.85 -2.71 -15.37
C LEU B 156 8.07 -3.41 -14.03
N ILE B 157 9.21 -3.15 -13.40
CA ILE B 157 9.46 -3.63 -12.07
C ILE B 157 8.42 -3.08 -11.08
N GLY B 158 7.95 -1.85 -11.22
CA GLY B 158 6.82 -1.35 -10.41
C GLY B 158 5.51 -2.14 -10.56
N LEU B 159 5.28 -2.72 -11.75
CA LEU B 159 4.14 -3.64 -11.92
C LEU B 159 4.32 -4.83 -11.03
N TYR B 160 5.53 -5.39 -11.07
CA TYR B 160 5.87 -6.56 -10.28
C TYR B 160 5.77 -6.30 -8.78
N ASN B 161 6.44 -5.27 -8.29
CA ASN B 161 6.34 -4.93 -6.87
C ASN B 161 4.94 -4.59 -6.42
N GLY B 162 4.22 -3.84 -7.26
CA GLY B 162 2.83 -3.47 -7.04
C GLY B 162 1.92 -4.67 -6.81
N TYR B 163 2.07 -5.70 -7.63
CA TYR B 163 1.26 -6.91 -7.49
C TYR B 163 1.61 -7.63 -6.22
N VAL B 164 2.92 -7.93 -6.01
CA VAL B 164 3.34 -8.77 -4.89
C VAL B 164 2.98 -8.11 -3.57
N GLU B 165 3.33 -6.84 -3.42
CA GLU B 165 3.04 -6.10 -2.17
C GLU B 165 1.55 -5.91 -1.91
N SER B 166 0.78 -5.54 -2.94
CA SER B 166 -0.67 -5.42 -2.76
C SER B 166 -1.29 -6.74 -2.32
N PHE B 167 -0.93 -7.84 -2.96
CA PHE B 167 -1.49 -9.14 -2.63
C PHE B 167 -1.17 -9.46 -1.17
N VAL B 168 0.12 -9.33 -0.79
CA VAL B 168 0.54 -9.78 0.50
C VAL B 168 0.15 -8.83 1.60
N ARG B 169 0.09 -7.55 1.29
CA ARG B 169 -0.42 -6.58 2.25
C ARG B 169 -1.87 -6.94 2.57
N ASN B 170 -2.65 -7.28 1.56
CA ASN B 170 -4.04 -7.66 1.82
C ASN B 170 -4.12 -8.98 2.62
N GLU B 171 -3.27 -9.93 2.31
CA GLU B 171 -3.23 -11.24 2.97
C GLU B 171 -2.91 -11.08 4.46
N VAL B 172 -2.00 -10.18 4.76
CA VAL B 172 -1.58 -9.88 6.09
C VAL B 172 -2.62 -9.00 6.77
N GLY B 173 -3.33 -8.17 6.01
CA GLY B 173 -4.49 -7.44 6.58
C GLY B 173 -5.58 -8.41 7.08
N TRP B 174 -5.90 -9.45 6.31
CA TRP B 174 -6.90 -10.44 6.74
C TRP B 174 -6.46 -11.17 8.01
N LEU B 175 -5.18 -11.53 8.11
CA LEU B 175 -4.73 -12.26 9.31
C LEU B 175 -4.87 -11.38 10.54
N GLU B 176 -4.50 -10.10 10.38
CA GLU B 176 -4.63 -9.12 11.41
C GLU B 176 -6.07 -8.88 11.79
N GLU B 177 -6.91 -8.69 10.79
CA GLU B 177 -8.34 -8.47 11.00
C GLU B 177 -8.97 -9.66 11.73
N ALA B 178 -8.62 -10.86 11.33
CA ALA B 178 -9.23 -12.04 11.94
C ALA B 178 -8.85 -12.21 13.41
N ARG B 179 -7.64 -11.81 13.80
CA ARG B 179 -7.27 -11.91 15.23
C ARG B 179 -8.13 -10.96 16.02
N ARG B 180 -8.56 -9.85 15.44
CA ARG B 180 -9.49 -8.95 16.10
CA ARG B 180 -9.50 -8.96 16.12
C ARG B 180 -10.93 -9.50 16.11
N THR B 181 -11.42 -9.97 14.98
CA THR B 181 -12.85 -10.30 14.81
C THR B 181 -13.18 -11.79 14.80
N LYS B 182 -12.18 -12.64 14.68
CA LYS B 182 -12.35 -14.07 14.49
C LYS B 182 -13.12 -14.40 13.22
N VAL B 183 -13.27 -13.43 12.31
CA VAL B 183 -13.83 -13.69 10.99
C VAL B 183 -12.75 -13.56 9.93
N ASP B 184 -12.32 -14.68 9.38
CA ASP B 184 -11.36 -14.66 8.26
C ASP B 184 -12.04 -14.44 6.91
N MET B 185 -11.26 -14.50 5.83
CA MET B 185 -11.74 -14.16 4.51
C MET B 185 -12.95 -15.01 4.11
N ARG B 186 -12.80 -16.34 4.21
CA ARG B 186 -13.87 -17.25 3.78
C ARG B 186 -15.16 -16.98 4.53
N GLU B 187 -15.04 -16.79 5.83
CA GLU B 187 -16.17 -16.54 6.68
C GLU B 187 -16.74 -15.17 6.41
N TRP B 188 -15.90 -14.22 6.02
CA TRP B 188 -16.34 -12.87 5.75
C TRP B 188 -17.21 -12.92 4.48
N MET B 189 -16.76 -13.69 3.50
CA MET B 189 -17.50 -13.80 2.21
C MET B 189 -18.83 -14.48 2.40
N ARG B 190 -18.89 -15.45 3.31
CA ARG B 190 -20.12 -16.17 3.65
C ARG B 190 -21.10 -15.22 4.31
N ARG B 191 -20.66 -14.54 5.37
CA ARG B 191 -21.51 -13.59 6.10
C ARG B 191 -21.96 -12.37 5.29
N SER B 192 -21.15 -11.95 4.32
CA SER B 192 -21.53 -10.79 3.49
C SER B 192 -22.55 -11.12 2.40
N GLY B 193 -22.82 -12.42 2.20
CA GLY B 193 -23.66 -12.86 1.09
C GLY B 193 -24.99 -12.14 1.01
N PRO B 194 -25.73 -12.09 2.12
CA PRO B 194 -27.02 -11.40 2.03
C PRO B 194 -26.92 -9.93 1.66
N TYR B 195 -25.93 -9.22 2.20
CA TYR B 195 -25.71 -7.84 1.75
C TYR B 195 -25.30 -7.78 0.27
N ALA B 196 -24.35 -8.61 -0.14
CA ALA B 196 -23.94 -8.69 -1.58
C ALA B 196 -25.16 -8.87 -2.53
N GLN B 197 -26.07 -9.78 -2.16
CA GLN B 197 -27.32 -10.01 -2.91
C GLN B 197 -28.18 -8.77 -2.96
N GLN B 198 -28.38 -8.13 -1.82
CA GLN B 198 -29.05 -6.82 -1.77
C GLN B 198 -28.41 -5.80 -2.74
N LEU B 199 -27.09 -5.82 -2.87
CA LEU B 199 -26.40 -4.84 -3.71
C LEU B 199 -26.62 -5.21 -5.19
N VAL B 200 -26.50 -6.47 -5.50
CA VAL B 200 -26.72 -6.94 -6.86
C VAL B 200 -28.19 -6.68 -7.31
N ASP B 201 -29.15 -7.06 -6.48
CA ASP B 201 -30.58 -6.90 -6.78
C ASP B 201 -30.97 -5.45 -6.96
N SER B 202 -30.23 -4.49 -6.39
CA SER B 202 -30.52 -3.09 -6.60
C SER B 202 -30.33 -2.71 -8.07
N GLY B 203 -29.51 -3.45 -8.81
CA GLY B 203 -29.19 -3.11 -10.19
C GLY B 203 -28.33 -1.86 -10.37
N GLU B 204 -27.79 -1.31 -9.29
CA GLU B 204 -26.92 -0.13 -9.35
C GLU B 204 -25.44 -0.48 -9.57
N TYR B 205 -25.07 -1.73 -9.40
CA TYR B 205 -23.64 -2.09 -9.44
C TYR B 205 -23.40 -3.26 -10.36
N PRO B 206 -23.66 -3.10 -11.66
CA PRO B 206 -23.55 -4.20 -12.59
C PRO B 206 -22.13 -4.77 -12.76
N MET B 207 -21.09 -3.93 -12.66
CA MET B 207 -19.71 -4.44 -12.75
C MET B 207 -19.39 -5.32 -11.55
N PHE B 208 -19.83 -4.86 -10.39
CA PHE B 208 -19.67 -5.59 -9.15
C PHE B 208 -20.38 -6.95 -9.20
N ALA B 209 -21.63 -6.94 -9.68
CA ALA B 209 -22.41 -8.17 -9.88
C ALA B 209 -21.67 -9.11 -10.81
N ARG B 210 -21.07 -8.59 -11.87
CA ARG B 210 -20.32 -9.45 -12.77
C ARG B 210 -19.11 -10.04 -12.03
N VAL B 211 -18.46 -9.22 -11.21
CA VAL B 211 -17.32 -9.70 -10.47
C VAL B 211 -17.73 -10.83 -9.58
N LEU B 212 -18.77 -10.61 -8.78
CA LEU B 212 -19.25 -11.62 -7.85
C LEU B 212 -19.69 -12.91 -8.56
N ALA B 213 -20.41 -12.76 -9.67
CA ALA B 213 -20.92 -13.94 -10.33
C ALA B 213 -19.81 -14.75 -10.95
N GLU B 214 -18.73 -14.10 -11.38
CA GLU B 214 -17.80 -14.75 -12.30
C GLU B 214 -16.39 -14.92 -11.83
N THR B 215 -15.99 -14.26 -10.74
CA THR B 215 -14.64 -14.35 -10.28
C THR B 215 -14.32 -15.74 -9.78
N VAL B 216 -13.09 -16.14 -10.03
CA VAL B 216 -12.56 -17.41 -9.55
C VAL B 216 -11.64 -17.21 -8.32
N ALA B 217 -10.88 -16.13 -8.31
CA ALA B 217 -9.79 -15.95 -7.35
C ALA B 217 -10.18 -16.20 -5.90
N PRO B 218 -11.22 -15.50 -5.40
CA PRO B 218 -11.64 -15.65 -3.99
C PRO B 218 -11.96 -17.11 -3.54
N HIS B 219 -12.21 -18.02 -4.49
CA HIS B 219 -12.48 -19.44 -4.15
C HIS B 219 -11.31 -20.41 -4.24
N MET B 220 -10.16 -19.95 -4.75
CA MET B 220 -8.92 -20.74 -4.72
C MET B 220 -8.29 -20.54 -3.32
N GLY B 221 -7.38 -21.41 -2.89
CA GLY B 221 -6.58 -21.13 -1.68
C GLY B 221 -5.60 -20.00 -1.96
N PRO B 222 -5.01 -19.39 -0.92
CA PRO B 222 -4.11 -18.25 -1.11
C PRO B 222 -2.90 -18.50 -1.99
N ASP B 223 -2.34 -19.69 -1.92
CA ASP B 223 -1.14 -19.97 -2.66
C ASP B 223 -1.46 -20.01 -4.13
N GLN B 224 -2.49 -20.72 -4.54
N GLN B 224 -2.53 -20.71 -4.44
CA GLN B 224 -2.77 -20.74 -5.99
CA GLN B 224 -3.02 -20.86 -5.79
C GLN B 224 -3.32 -19.40 -6.48
C GLN B 224 -3.37 -19.49 -6.42
N ARG B 225 -4.00 -18.66 -5.62
CA ARG B 225 -4.45 -17.34 -6.02
C ARG B 225 -3.21 -16.43 -6.25
N PHE B 226 -2.24 -16.50 -5.37
CA PHE B 226 -0.98 -15.73 -5.57
C PHE B 226 -0.33 -16.07 -6.90
N ARG B 227 -0.19 -17.36 -7.17
CA ARG B 227 0.51 -17.81 -8.37
C ARG B 227 -0.27 -17.43 -9.62
N SER B 228 -1.55 -17.61 -9.56
CA SER B 228 -2.38 -17.28 -10.72
C SER B 228 -2.33 -15.76 -11.06
N GLY B 229 -2.35 -14.90 -10.05
CA GLY B 229 -2.12 -13.47 -10.29
C GLY B 229 -0.72 -13.14 -10.78
N LEU B 230 0.26 -13.86 -10.24
CA LEU B 230 1.65 -13.66 -10.66
C LEU B 230 1.77 -13.98 -12.13
N GLU B 231 1.14 -15.06 -12.57
CA GLU B 231 1.25 -15.47 -13.98
C GLU B 231 0.71 -14.41 -14.87
N ARG B 232 -0.39 -13.78 -14.47
CA ARG B 232 -0.97 -12.69 -15.25
C ARG B 232 -0.10 -11.43 -15.22
N LEU B 233 0.50 -11.19 -14.08
CA LEU B 233 1.40 -10.08 -13.92
C LEU B 233 2.56 -10.25 -14.90
N LEU B 234 3.17 -11.43 -14.93
CA LEU B 234 4.29 -11.70 -15.78
C LEU B 234 3.89 -11.60 -17.27
N ASP B 235 2.72 -12.10 -17.64
CA ASP B 235 2.25 -11.89 -19.00
C ASP B 235 2.13 -10.42 -19.29
N SER B 236 1.73 -9.62 -18.32
CA SER B 236 1.63 -8.16 -18.59
C SER B 236 3.01 -7.54 -18.78
N ILE B 237 4.01 -7.99 -18.04
CA ILE B 237 5.35 -7.51 -18.30
C ILE B 237 5.86 -8.01 -19.68
N GLY B 238 5.65 -9.30 -19.96
CA GLY B 238 6.03 -9.85 -21.25
C GLY B 238 5.39 -9.11 -22.42
N ALA B 239 4.09 -8.78 -22.31
CA ALA B 239 3.46 -7.98 -23.38
C ALA B 239 4.13 -6.62 -23.56
N SER B 240 4.52 -5.96 -22.47
CA SER B 240 5.15 -4.66 -22.63
C SER B 240 6.53 -4.82 -23.26
N LEU B 241 7.25 -5.89 -22.92
CA LEU B 241 8.58 -6.16 -23.46
C LEU B 241 8.55 -6.35 -24.96
N ASP B 242 7.51 -7.03 -25.45
CA ASP B 242 7.24 -7.17 -26.88
C ASP B 242 7.19 -5.83 -27.60
N ARG B 243 6.55 -4.84 -26.98
CA ARG B 243 6.45 -3.52 -27.58
C ARG B 243 7.72 -2.66 -27.41
N LEU B 244 8.38 -2.72 -26.25
CA LEU B 244 9.49 -1.78 -25.99
C LEU B 244 10.84 -2.19 -26.62
N SER B 245 11.07 -3.50 -26.67
CA SER B 245 12.38 -4.09 -27.03
C SER B 245 12.10 -5.20 -28.03
N PRO B 246 11.66 -4.80 -29.25
CA PRO B 246 11.06 -5.76 -30.18
C PRO B 246 12.09 -6.44 -31.10
O4 SMQ C . 13.64 -5.14 -4.61
C1A SMQ C . 18.22 9.73 -6.45
O1A SMQ C . 17.91 10.34 -8.75
C1B SMQ C . 18.67 10.33 -7.63
O1B SMQ C . 19.65 10.99 -10.18
C1C SMQ C . 19.91 10.92 -7.69
O1C SMQ C . 21.91 13.61 -10.41
C1D SMQ C . 20.31 11.57 -9.04
O1D SMQ C . 25.83 12.79 -9.37
C1E SMQ C . 21.79 11.52 -9.26
O1E SMQ C . 25.01 12.74 -5.95
C1F SMQ C . 22.31 12.25 -10.50
O1F SMQ C . 23.75 13.63 -7.94
C1G SMQ C . 23.87 12.16 -10.64
O1G SMQ C . 22.61 11.85 -5.62
C1H SMQ C . 24.70 11.92 -9.35
O1H SMQ C . 22.34 10.27 -9.05
C1I SMQ C . 24.97 10.40 -9.22
C1J SMQ C . 25.64 9.97 -7.94
C1K SMQ C . 26.41 8.67 -7.94
C1L SMQ C . 25.63 10.77 -6.82
C1M SMQ C . 24.94 11.96 -6.88
C1N SMQ C . 24.03 12.28 -8.07
C1O SMQ C . 22.68 11.47 -8.03
C1P SMQ C . 22.01 11.47 -6.65
C1Q SMQ C . 20.73 10.92 -6.57
C1R SMQ C . 20.31 10.31 -5.38
C1S SMQ C . 19.04 9.71 -5.33
C2A SMQ C . 16.82 9.10 -6.43
O2A SMQ C . 16.33 9.09 -5.09
C2B SMQ C . 16.91 7.65 -6.84
O2B SMQ C . 13.55 6.93 -5.43
C2C SMQ C . 15.53 6.98 -6.75
O2C SMQ C . 14.03 4.96 -4.41
C2D SMQ C . 14.95 7.16 -5.40
O2D SMQ C . 15.81 5.62 -6.99
C2E SMQ C . 15.01 8.65 -5.04
C2F SMQ C . 14.53 8.94 -3.62
C2G SMQ C . 13.20 5.69 -4.96
C2H SMQ C . 11.73 5.22 -5.22
C3A SMQ C . 14.80 5.05 -7.70
O3A SMQ C . 13.95 5.73 -8.32
C3B SMQ C . 14.79 3.68 -7.68
O3B SMQ C . 11.58 -6.08 -5.09
C3C SMQ C . 13.87 2.80 -8.22
C3D SMQ C . 14.14 1.52 -7.42
C3E SMQ C . 13.31 0.34 -7.84
C3F SMQ C . 13.82 -0.88 -7.07
C3G SMQ C . 12.96 -2.08 -7.27
C3H SMQ C . 13.29 -3.13 -6.20
C3I SMQ C . 12.29 -4.11 -6.10
C3J SMQ C . 12.49 -5.18 -5.22
OH2 1PE D . -0.12 2.10 -30.55
C12 1PE D . -0.84 1.90 -29.34
C22 1PE D . -0.36 2.92 -28.28
OH3 1PE D . 0.77 2.35 -27.56
C13 1PE D . 3.01 3.11 -27.05
C23 1PE D . 1.51 3.38 -26.89
OH4 1PE D . 3.39 2.11 -26.08
C14 1PE D . 4.60 0.30 -25.51
C24 1PE D . 4.72 1.62 -26.25
OH5 1PE D . 4.61 0.49 -24.06
C15 1PE D . 4.76 -0.47 -21.89
C25 1PE D . 4.54 -0.76 -23.36
OH6 1PE D . 6.00 0.15 -21.51
C16 1PE D . 7.26 1.26 -19.71
C26 1PE D . 5.96 0.51 -20.11
OH7 1PE D . 7.43 2.40 -20.57
O1 PG4 E . -18.83 7.77 -11.05
C1 PG4 E . -19.82 6.85 -10.90
C2 PG4 E . -19.61 5.65 -11.74
O2 PG4 E . -20.24 4.59 -11.08
C3 PG4 E . -21.75 4.68 -11.08
C4 PG4 E . -22.55 3.49 -11.68
O3 PG4 E . -23.27 3.80 -12.93
C5 PG4 E . -24.60 4.36 -12.65
C6 PG4 E . -25.50 4.20 -13.90
O4 PG4 E . -26.60 5.13 -13.90
CL CL F . 8.73 15.78 -1.00
CL CL G . -2.77 8.97 10.35
CL CL H . 5.43 19.13 -11.99
O4 SMQ I . -11.45 1.82 -7.01
C1A SMQ I . -16.83 -12.36 -2.53
O1A SMQ I . -16.27 -13.85 -4.31
C1B SMQ I . -17.18 -13.41 -3.39
O1B SMQ I . -18.06 -15.19 -5.48
C1C SMQ I . -18.44 -14.01 -3.30
O1C SMQ I . -20.73 -17.64 -4.33
C1D SMQ I . -18.78 -15.22 -4.24
O1D SMQ I . -24.38 -16.35 -4.56
C1E SMQ I . -20.26 -15.33 -4.53
O1E SMQ I . -23.74 -15.06 -1.23
C1F SMQ I . -20.79 -16.55 -5.25
O1F SMQ I . -22.48 -16.72 -2.70
C1G SMQ I . -22.27 -16.37 -5.69
O1G SMQ I . -21.31 -13.96 -1.22
C1H SMQ I . -23.18 -15.62 -4.72
O1H SMQ I . -20.85 -14.13 -4.88
C1I SMQ I . -23.37 -14.17 -5.24
C1J SMQ I . -24.20 -13.32 -4.30
C1K SMQ I . -25.01 -12.17 -4.94
C1L SMQ I . -24.30 -13.63 -2.94
C1M SMQ I . -23.59 -14.71 -2.42
C1N SMQ I . -22.62 -15.47 -3.32
C1O SMQ I . -21.23 -14.75 -3.49
C1P SMQ I . -20.64 -14.07 -2.25
C1Q SMQ I . -19.35 -13.52 -2.35
C1R SMQ I . -19.02 -12.46 -1.51
C1S SMQ I . -17.76 -11.88 -1.60
C2A SMQ I . -15.45 -11.75 -2.67
O2A SMQ I . -15.12 -11.05 -1.49
C2B SMQ I . -15.36 -10.87 -3.92
O2B SMQ I . -12.19 -9.33 -2.71
C2C SMQ I . -14.06 -9.99 -3.93
O2C SMQ I . -12.68 -7.12 -2.72
C2D SMQ I . -13.56 -9.55 -2.57
O2D SMQ I . -14.35 -8.81 -4.71
C2E SMQ I . -13.74 -10.63 -1.49
C2F SMQ I . -13.26 -10.12 -0.09
C2G SMQ I . -11.84 -8.02 -2.81
C2H SMQ I . -10.37 -7.70 -3.13
C3A SMQ I . -13.39 -8.47 -5.60
O3A SMQ I . -12.56 -9.25 -6.05
C3B SMQ I . -13.32 -7.14 -5.97
O3B SMQ I . -9.35 2.34 -7.69
C3C SMQ I . -12.34 -6.67 -6.82
C3D SMQ I . -12.62 -5.21 -7.03
C3E SMQ I . -11.44 -4.43 -7.50
C3F SMQ I . -11.67 -2.97 -7.17
C3G SMQ I . -10.66 -2.09 -7.89
C3H SMQ I . -11.20 -0.67 -7.89
C3I SMQ I . -10.17 0.25 -8.01
C3J SMQ I . -10.33 1.55 -7.53
CA CA J . 0.95 -17.04 -19.43
CL CL K . 3.17 -3.74 13.01
CL CL L . 13.50 7.77 19.22
CL CL M . -7.84 -15.25 5.56
CL CL N . 11.32 3.73 21.37
CL CL O . -3.63 -22.85 -2.22
#